data_8YA6
#
_entry.id   8YA6
#
_cell.length_a   53.703
_cell.length_b   67.220
_cell.length_c   239.443
_cell.angle_alpha   90.00
_cell.angle_beta   90.00
_cell.angle_gamma   90.00
#
_symmetry.space_group_name_H-M   'C 2 2 21'
#
loop_
_entity.id
_entity.type
_entity.pdbx_description
1 polymer endo-1,3-fucanase
2 water water
#
_entity_poly.entity_id   1
_entity_poly.type   'polypeptide(L)'
_entity_poly.pdbx_seq_one_letter_code
;MGSSHHHHHHSSGLVPRGSHMASMTGGQQMGRGSCSTTKTHTNTSTIVKNEKIDFYVSDGSKFISQDFYPKFSWESTPEY
AMFGNGASLLTPKEVEKIAAKTDFICIEKNHAYRTLEFAEIGAREEIKNFKAIKPEIKALYYFNSAYAWPFTSYNKNFKK
NKIDDYPELKKFILVDKTTGELQHRNNTLCFDVLNPEFRTWWVKTVAQGVKDSGADGVFIDQMHGFVWLRSSQKEEVEKA
MGEMMANLKAAIGTNKILLGNNASSVKDVFPAIDAAMFEHYNNKKLSKENLLKEWGDMLANAKAGKMSIFRIGVEAEKEE
ASQTLIKGSRGESLEELSKERLEYYQACFLIGAQPYSYFQYGWGWRLDTGPLVDYPELQKPLGAPKGAYKRLHENGWEFT
REFEHASVWVDTEKKEAKIEWKK
;
_entity_poly.pdbx_strand_id   A
#
# COMPACT_ATOMS: atom_id res chain seq x y z
N ASP A 54 -8.77 21.95 -3.59
CA ASP A 54 -7.73 22.55 -4.41
C ASP A 54 -6.75 21.48 -4.89
N PHE A 55 -6.27 21.69 -6.10
CA PHE A 55 -5.18 20.94 -6.67
C PHE A 55 -3.83 21.56 -6.33
N TYR A 56 -3.82 22.54 -5.43
CA TYR A 56 -2.58 23.24 -5.11
C TYR A 56 -1.64 22.36 -4.30
N VAL A 57 -0.41 22.22 -4.82
CA VAL A 57 0.67 21.54 -4.09
C VAL A 57 1.24 22.49 -3.03
N SER A 58 1.86 21.91 -1.99
CA SER A 58 2.24 22.73 -0.85
C SER A 58 3.34 23.74 -1.16
N ASP A 59 3.96 23.70 -2.34
CA ASP A 59 4.94 24.70 -2.73
C ASP A 59 4.38 25.74 -3.69
N GLY A 60 3.06 25.84 -3.78
CA GLY A 60 2.40 26.78 -4.67
C GLY A 60 2.21 26.30 -6.09
N SER A 61 2.86 25.22 -6.49
CA SER A 61 2.58 24.63 -7.79
C SER A 61 1.25 23.88 -7.74
N LYS A 62 0.74 23.49 -8.91
CA LYS A 62 -0.57 22.86 -9.03
C LYS A 62 -0.44 21.39 -9.44
N PHE A 63 -1.38 20.55 -8.99
CA PHE A 63 -1.37 19.14 -9.33
C PHE A 63 -2.18 18.89 -10.59
N ILE A 64 -1.63 18.07 -11.46
CA ILE A 64 -2.26 17.77 -12.75
C ILE A 64 -2.61 16.28 -12.73
N SER A 65 -3.85 15.97 -12.34
CA SER A 65 -4.30 14.59 -12.31
C SER A 65 -4.53 14.05 -13.72
N GLN A 66 -4.47 12.73 -13.86
CA GLN A 66 -4.86 12.08 -15.10
C GLN A 66 -6.32 11.67 -15.03
N ASP A 67 -6.95 11.48 -16.19
CA ASP A 67 -8.39 11.18 -16.21
C ASP A 67 -8.72 9.87 -15.51
N PHE A 68 -7.78 8.94 -15.41
CA PHE A 68 -8.06 7.64 -14.82
C PHE A 68 -7.72 7.56 -13.34
N TYR A 69 -7.39 8.69 -12.70
CA TYR A 69 -7.10 8.66 -11.27
C TYR A 69 -8.39 8.45 -10.46
N PRO A 70 -8.28 8.02 -9.20
CA PRO A 70 -9.48 7.92 -8.35
C PRO A 70 -10.01 9.31 -8.00
N LYS A 71 -11.23 9.33 -7.48
CA LYS A 71 -11.78 10.60 -7.02
C LYS A 71 -10.94 11.14 -5.86
N PHE A 72 -10.83 12.46 -5.78
CA PHE A 72 -10.13 13.09 -4.68
C PHE A 72 -10.86 14.35 -4.24
N SER A 73 -10.86 14.59 -2.92
CA SER A 73 -11.54 15.71 -2.31
C SER A 73 -10.90 15.98 -0.95
N TRP A 74 -10.90 17.24 -0.54
CA TRP A 74 -10.44 17.57 0.80
C TRP A 74 -11.58 17.61 1.81
N GLU A 75 -12.76 17.11 1.47
CA GLU A 75 -13.95 17.34 2.29
C GLU A 75 -13.79 16.72 3.68
N SER A 76 -13.34 15.47 3.72
CA SER A 76 -12.83 14.86 4.95
C SER A 76 -11.43 14.30 4.70
N THR A 77 -10.88 13.59 5.65
CA THR A 77 -9.56 13.02 5.46
C THR A 77 -9.58 11.98 4.35
N PRO A 78 -8.87 12.20 3.24
CA PRO A 78 -8.92 11.22 2.12
C PRO A 78 -8.42 9.86 2.56
N GLU A 79 -9.20 8.80 2.28
CA GLU A 79 -8.92 7.45 2.77
C GLU A 79 -8.74 6.44 1.66
N TYR A 80 -7.77 5.54 1.87
CA TYR A 80 -7.52 4.35 1.07
C TYR A 80 -7.68 3.14 1.98
N ALA A 81 -8.46 2.15 1.55
CA ALA A 81 -8.67 0.92 2.30
C ALA A 81 -8.04 -0.26 1.57
N MET A 82 -7.29 -1.11 2.28
CA MET A 82 -6.74 -2.27 1.59
C MET A 82 -6.77 -3.44 2.55
N PHE A 83 -7.28 -4.57 2.07
CA PHE A 83 -7.79 -5.58 2.99
C PHE A 83 -8.04 -6.86 2.20
N GLY A 84 -8.12 -7.96 2.94
CA GLY A 84 -8.59 -9.22 2.40
C GLY A 84 -9.01 -10.11 3.53
N ASN A 85 -9.78 -11.13 3.18
CA ASN A 85 -10.17 -12.18 4.12
C ASN A 85 -10.05 -13.49 3.36
N GLY A 86 -9.07 -14.32 3.75
CA GLY A 86 -8.90 -15.58 3.07
C GLY A 86 -10.07 -16.50 3.24
N ALA A 87 -10.93 -16.21 4.24
CA ALA A 87 -12.02 -17.07 4.65
C ALA A 87 -13.26 -16.92 3.80
N SER A 88 -13.50 -15.71 3.26
CA SER A 88 -14.78 -15.43 2.65
C SER A 88 -14.75 -14.05 1.99
N LEU A 89 -15.79 -13.77 1.24
CA LEU A 89 -15.99 -12.49 0.61
C LEU A 89 -16.68 -11.52 1.57
N LEU A 90 -16.79 -10.26 1.16
CA LEU A 90 -17.42 -9.26 2.00
C LEU A 90 -18.91 -9.43 1.97
N THR A 91 -19.57 -9.26 3.11
CA THR A 91 -21.02 -9.34 3.20
C THR A 91 -21.62 -8.12 2.50
N PRO A 92 -22.91 -8.14 2.15
CA PRO A 92 -23.55 -6.85 1.70
C PRO A 92 -23.22 -5.61 2.54
N LYS A 93 -23.39 -5.69 3.87
CA LYS A 93 -23.21 -4.52 4.75
C LYS A 93 -21.76 -4.09 4.84
N GLU A 94 -20.82 -5.00 4.61
CA GLU A 94 -19.41 -4.65 4.73
C GLU A 94 -18.93 -3.88 3.51
N VAL A 95 -19.39 -4.28 2.32
CA VAL A 95 -19.15 -3.48 1.11
C VAL A 95 -19.68 -2.07 1.30
N GLU A 96 -20.85 -1.94 1.94
CA GLU A 96 -21.44 -0.62 2.17
C GLU A 96 -20.59 0.22 3.11
N LYS A 97 -20.02 -0.40 4.16
CA LYS A 97 -19.26 0.37 5.12
C LYS A 97 -17.98 0.86 4.51
N ILE A 98 -17.26 -0.02 3.80
CA ILE A 98 -16.03 0.36 3.11
C ILE A 98 -16.30 1.42 2.06
N ALA A 99 -17.34 1.23 1.26
CA ALA A 99 -17.62 2.14 0.15
C ALA A 99 -17.95 3.54 0.65
N ALA A 100 -18.69 3.65 1.75
CA ALA A 100 -18.99 4.97 2.29
C ALA A 100 -17.77 5.63 2.94
N LYS A 101 -16.65 4.92 3.03
CA LYS A 101 -15.44 5.38 3.68
C LYS A 101 -14.40 5.85 2.67
N THR A 102 -14.41 5.29 1.47
CA THR A 102 -13.30 5.46 0.54
C THR A 102 -13.76 5.29 -0.91
N ASP A 103 -13.11 6.01 -1.82
CA ASP A 103 -13.31 5.83 -3.27
C ASP A 103 -12.16 5.07 -3.92
N PHE A 104 -11.33 4.41 -3.12
CA PHE A 104 -10.02 3.94 -3.57
C PHE A 104 -9.62 2.79 -2.64
N ILE A 105 -9.70 1.55 -3.13
CA ILE A 105 -9.48 0.38 -2.29
C ILE A 105 -8.66 -0.63 -3.06
N CYS A 106 -8.13 -1.59 -2.32
CA CYS A 106 -7.27 -2.61 -2.91
C CYS A 106 -7.56 -3.92 -2.21
N ILE A 107 -7.65 -5.01 -2.99
CA ILE A 107 -7.93 -6.35 -2.48
C ILE A 107 -6.62 -7.11 -2.29
N GLU A 108 -6.45 -7.77 -1.15
CA GLU A 108 -5.17 -8.31 -0.70
C GLU A 108 -4.83 -9.66 -1.35
N LYS A 109 -3.69 -10.22 -0.91
CA LYS A 109 -3.02 -11.27 -1.67
C LYS A 109 -3.75 -12.61 -1.68
N ASN A 110 -4.67 -12.87 -0.73
CA ASN A 110 -5.30 -14.19 -0.63
C ASN A 110 -6.82 -14.10 -0.56
N HIS A 111 -7.41 -13.01 -1.04
CA HIS A 111 -8.79 -12.74 -0.65
C HIS A 111 -9.75 -13.84 -1.11
N ALA A 112 -10.51 -14.35 -0.14
CA ALA A 112 -11.54 -15.39 -0.33
C ALA A 112 -11.03 -16.61 -1.09
N TYR A 113 -9.72 -16.85 -1.11
CA TYR A 113 -9.20 -17.94 -1.93
C TYR A 113 -9.57 -19.32 -1.36
N ARG A 114 -9.96 -19.38 -0.09
CA ARG A 114 -10.36 -20.65 0.51
C ARG A 114 -11.72 -21.11 -0.02
N THR A 115 -12.59 -20.18 -0.40
CA THR A 115 -13.94 -20.48 -0.85
C THR A 115 -14.18 -20.20 -2.32
N LEU A 116 -13.36 -19.38 -2.96
CA LEU A 116 -13.42 -19.15 -4.40
C LEU A 116 -12.17 -19.65 -5.12
N GLU A 117 -11.42 -20.53 -4.45
CA GLU A 117 -10.29 -21.29 -5.00
C GLU A 117 -9.06 -20.44 -5.22
N PHE A 118 -9.22 -19.23 -5.81
CA PHE A 118 -8.10 -18.42 -6.28
C PHE A 118 -8.32 -16.95 -5.92
N ALA A 119 -7.23 -16.29 -5.55
CA ALA A 119 -7.30 -14.92 -5.04
C ALA A 119 -7.74 -13.93 -6.11
N GLU A 120 -7.49 -14.21 -7.39
CA GLU A 120 -7.96 -13.28 -8.41
C GLU A 120 -9.44 -13.45 -8.65
N ILE A 121 -10.00 -14.58 -8.26
CA ILE A 121 -11.44 -14.74 -8.32
C ILE A 121 -12.09 -13.97 -7.17
N GLY A 122 -11.53 -14.11 -5.96
CA GLY A 122 -11.94 -13.24 -4.86
C GLY A 122 -11.85 -11.77 -5.20
N ALA A 123 -10.74 -11.34 -5.83
CA ALA A 123 -10.65 -9.96 -6.28
C ALA A 123 -11.78 -9.64 -7.24
N ARG A 124 -11.97 -10.48 -8.25
CA ARG A 124 -13.00 -10.24 -9.26
C ARG A 124 -14.37 -10.05 -8.62
N GLU A 125 -14.68 -10.85 -7.58
CA GLU A 125 -15.99 -10.73 -6.91
C GLU A 125 -16.15 -9.37 -6.25
N GLU A 126 -15.07 -8.86 -5.63
CA GLU A 126 -15.17 -7.59 -4.94
C GLU A 126 -15.14 -6.40 -5.90
N ILE A 127 -14.38 -6.50 -7.00
CA ILE A 127 -14.50 -5.46 -8.02
C ILE A 127 -15.96 -5.33 -8.46
N LYS A 128 -16.59 -6.46 -8.80
CA LYS A 128 -18.00 -6.42 -9.21
C LYS A 128 -18.87 -5.81 -8.13
N ASN A 129 -18.70 -6.25 -6.89
CA ASN A 129 -19.59 -5.81 -5.81
C ASN A 129 -19.44 -4.31 -5.53
N PHE A 130 -18.19 -3.82 -5.50
CA PHE A 130 -17.98 -2.41 -5.19
C PHE A 130 -18.39 -1.51 -6.34
N LYS A 131 -18.13 -1.94 -7.58
CA LYS A 131 -18.50 -1.12 -8.73
C LYS A 131 -20.01 -1.06 -8.88
N ALA A 132 -20.70 -2.13 -8.53
CA ALA A 132 -22.16 -2.14 -8.58
C ALA A 132 -22.76 -1.04 -7.70
N ILE A 133 -22.24 -0.88 -6.49
CA ILE A 133 -22.84 0.08 -5.56
C ILE A 133 -22.24 1.48 -5.71
N LYS A 134 -20.95 1.59 -6.05
CA LYS A 134 -20.26 2.87 -6.20
C LYS A 134 -19.53 2.84 -7.54
N PRO A 135 -20.20 3.24 -8.63
CA PRO A 135 -19.56 3.10 -9.94
C PRO A 135 -18.23 3.83 -10.08
N GLU A 136 -18.05 4.96 -9.42
CA GLU A 136 -16.84 5.75 -9.60
C GLU A 136 -15.66 5.25 -8.75
N ILE A 137 -15.83 4.17 -7.99
CA ILE A 137 -14.75 3.66 -7.15
C ILE A 137 -13.62 3.07 -7.98
N LYS A 138 -12.40 3.15 -7.45
CA LYS A 138 -11.28 2.46 -8.06
C LYS A 138 -10.90 1.30 -7.15
N ALA A 139 -10.68 0.13 -7.75
CA ALA A 139 -10.32 -1.07 -7.02
C ALA A 139 -9.05 -1.63 -7.64
N LEU A 140 -8.00 -1.83 -6.82
CA LEU A 140 -6.73 -2.35 -7.28
C LEU A 140 -6.60 -3.83 -6.94
N TYR A 141 -6.09 -4.60 -7.90
CA TYR A 141 -5.55 -5.94 -7.71
C TYR A 141 -4.22 -5.86 -6.97
N TYR A 142 -3.73 -7.03 -6.52
CA TYR A 142 -2.46 -7.12 -5.79
C TYR A 142 -1.56 -8.17 -6.43
N PHE A 143 -0.24 -7.91 -6.44
CA PHE A 143 0.68 -8.98 -6.81
C PHE A 143 2.07 -8.67 -6.30
N ASN A 144 2.74 -9.70 -5.76
CA ASN A 144 4.08 -9.56 -5.19
C ASN A 144 5.13 -9.83 -6.27
N SER A 145 6.14 -8.95 -6.37
CA SER A 145 7.21 -9.15 -7.32
C SER A 145 8.27 -10.12 -6.85
N ALA A 146 8.24 -10.50 -5.58
CA ALA A 146 9.35 -11.21 -4.95
C ALA A 146 8.93 -12.54 -4.37
N TYR A 147 7.94 -12.58 -3.47
CA TYR A 147 7.50 -13.81 -2.85
C TYR A 147 6.41 -14.44 -3.69
N ALA A 148 6.57 -15.73 -4.00
CA ALA A 148 5.65 -16.43 -4.89
C ALA A 148 4.46 -16.96 -4.09
N TRP A 149 3.71 -16.04 -3.47
CA TRP A 149 2.50 -16.43 -2.74
C TRP A 149 1.59 -17.28 -3.62
N PRO A 150 1.22 -18.50 -3.20
CA PRO A 150 0.52 -19.43 -4.09
C PRO A 150 -0.99 -19.41 -3.94
N PHE A 151 -1.58 -18.21 -3.90
CA PHE A 151 -3.01 -18.05 -3.67
C PHE A 151 -3.80 -17.79 -4.93
N THR A 152 -3.16 -17.37 -6.00
CA THR A 152 -3.82 -17.24 -7.29
C THR A 152 -3.62 -18.51 -8.10
N SER A 153 -4.39 -18.60 -9.20
CA SER A 153 -4.11 -19.65 -10.18
C SER A 153 -2.73 -19.47 -10.78
N TYR A 154 -2.32 -18.22 -10.98
CA TYR A 154 -1.02 -17.99 -11.63
C TYR A 154 0.12 -18.59 -10.82
N ASN A 155 0.04 -18.51 -9.51
CA ASN A 155 1.11 -18.97 -8.63
C ASN A 155 0.81 -20.33 -7.98
N LYS A 156 -0.18 -21.07 -8.47
CA LYS A 156 -0.64 -22.25 -7.74
C LYS A 156 0.43 -23.35 -7.69
N ASN A 157 1.38 -23.35 -8.61
CA ASN A 157 2.36 -24.43 -8.66
C ASN A 157 3.58 -24.14 -7.79
N PHE A 158 3.62 -22.99 -7.13
CA PHE A 158 4.77 -22.61 -6.29
C PHE A 158 4.59 -23.11 -4.85
N LYS A 159 4.53 -24.43 -4.74
CA LYS A 159 4.47 -25.08 -3.45
C LYS A 159 5.37 -26.30 -3.51
N LYS A 160 5.68 -26.84 -2.33
CA LYS A 160 6.63 -27.93 -2.28
C LYS A 160 6.10 -29.18 -2.98
N ASN A 161 4.79 -29.34 -3.04
CA ASN A 161 4.22 -30.55 -3.61
C ASN A 161 4.09 -30.48 -5.13
N LYS A 162 4.02 -29.27 -5.70
CA LYS A 162 3.76 -29.16 -7.13
C LYS A 162 4.92 -28.65 -7.95
N ILE A 163 5.90 -27.97 -7.33
CA ILE A 163 6.84 -27.18 -8.10
C ILE A 163 7.75 -28.08 -8.94
N ASP A 164 8.13 -29.25 -8.42
CA ASP A 164 8.96 -30.17 -9.19
C ASP A 164 8.27 -30.67 -10.45
N ASP A 165 6.96 -30.50 -10.57
CA ASP A 165 6.20 -30.91 -11.75
C ASP A 165 6.12 -29.84 -12.83
N TYR A 166 6.76 -28.68 -12.62
CA TYR A 166 6.70 -27.55 -13.54
C TYR A 166 8.10 -26.97 -13.61
N PRO A 167 9.02 -27.67 -14.30
CA PRO A 167 10.42 -27.19 -14.29
C PRO A 167 10.58 -25.84 -14.94
N GLU A 168 9.68 -25.52 -15.87
CA GLU A 168 9.74 -24.23 -16.55
C GLU A 168 9.45 -23.08 -15.58
N LEU A 169 8.61 -23.29 -14.57
CA LEU A 169 8.34 -22.27 -13.58
C LEU A 169 9.35 -22.29 -12.44
N LYS A 170 9.89 -23.47 -12.13
CA LYS A 170 10.89 -23.60 -11.08
C LYS A 170 12.17 -22.85 -11.42
N LYS A 171 12.50 -22.73 -12.70
CA LYS A 171 13.70 -22.01 -13.08
C LYS A 171 13.58 -20.50 -12.86
N PHE A 172 12.40 -20.00 -12.47
CA PHE A 172 12.21 -18.60 -12.11
C PHE A 172 12.62 -18.29 -10.69
N ILE A 173 12.99 -19.30 -9.90
CA ILE A 173 13.14 -19.15 -8.47
C ILE A 173 14.62 -19.15 -8.13
N LEU A 174 14.95 -18.36 -7.10
CA LEU A 174 16.36 -18.34 -6.60
C LEU A 174 16.69 -19.62 -5.84
N VAL A 175 17.90 -20.13 -6.09
CA VAL A 175 18.36 -21.35 -5.44
C VAL A 175 19.47 -21.00 -4.46
N ASP A 176 19.47 -21.69 -3.33
CA ASP A 176 20.58 -21.57 -2.40
C ASP A 176 21.80 -22.26 -3.00
N LYS A 177 22.91 -21.53 -3.10
CA LYS A 177 24.09 -22.08 -3.76
C LYS A 177 24.72 -23.19 -2.94
N THR A 178 24.70 -23.06 -1.61
CA THR A 178 25.38 -24.04 -0.75
C THR A 178 24.63 -25.38 -0.72
N THR A 179 23.31 -25.35 -0.56
CA THR A 179 22.54 -26.58 -0.49
C THR A 179 22.00 -27.04 -1.84
N GLY A 180 21.91 -26.15 -2.83
CA GLY A 180 21.20 -26.48 -4.04
C GLY A 180 19.69 -26.48 -3.93
N GLU A 181 19.16 -26.23 -2.73
CA GLU A 181 17.73 -26.19 -2.49
C GLU A 181 17.19 -24.80 -2.78
N LEU A 182 15.90 -24.72 -3.16
CA LEU A 182 15.23 -23.43 -3.32
C LEU A 182 15.31 -22.62 -2.03
N GLN A 183 15.63 -21.34 -2.18
CA GLN A 183 15.44 -20.42 -1.06
C GLN A 183 13.96 -20.26 -0.77
N HIS A 184 13.64 -20.01 0.49
CA HIS A 184 12.25 -19.84 0.87
C HIS A 184 12.15 -19.10 2.20
N ARG A 185 10.95 -18.57 2.45
CA ARG A 185 10.54 -18.05 3.75
C ARG A 185 9.22 -18.73 4.11
N ASN A 186 9.24 -19.55 5.15
CA ASN A 186 8.09 -20.41 5.50
C ASN A 186 7.51 -21.10 4.26
N ASN A 187 8.41 -21.64 3.44
CA ASN A 187 8.06 -22.45 2.28
C ASN A 187 7.40 -21.65 1.17
N THR A 188 7.56 -20.33 1.21
CA THR A 188 7.18 -19.47 0.11
C THR A 188 8.46 -19.17 -0.67
N LEU A 189 8.42 -19.38 -1.99
CA LEU A 189 9.62 -19.32 -2.80
C LEU A 189 9.87 -17.91 -3.32
N CYS A 190 11.05 -17.71 -3.89
CA CYS A 190 11.54 -16.37 -4.21
C CYS A 190 11.76 -16.21 -5.72
N PHE A 191 11.00 -15.32 -6.34
CA PHE A 191 11.28 -14.98 -7.73
C PHE A 191 12.68 -14.37 -7.87
N ASP A 192 13.24 -14.46 -9.09
CA ASP A 192 14.57 -13.93 -9.43
C ASP A 192 14.43 -12.89 -10.53
N VAL A 193 14.37 -11.60 -10.15
CA VAL A 193 14.18 -10.52 -11.12
C VAL A 193 15.31 -10.41 -12.15
N LEU A 194 16.45 -11.03 -11.86
CA LEU A 194 17.57 -11.04 -12.81
C LEU A 194 17.30 -11.97 -13.99
N ASN A 195 16.41 -12.92 -13.84
CA ASN A 195 16.05 -13.86 -14.89
C ASN A 195 15.12 -13.17 -15.88
N PRO A 196 15.55 -12.92 -17.13
CA PRO A 196 14.68 -12.19 -18.06
C PRO A 196 13.43 -12.95 -18.41
N GLU A 197 13.49 -14.28 -18.38
CA GLU A 197 12.31 -15.08 -18.69
C GLU A 197 11.28 -14.98 -17.58
N PHE A 198 11.72 -14.89 -16.33
CA PHE A 198 10.78 -14.62 -15.26
C PHE A 198 10.11 -13.27 -15.44
N ARG A 199 10.90 -12.23 -15.74
CA ARG A 199 10.31 -10.90 -15.86
C ARG A 199 9.22 -10.86 -16.93
N THR A 200 9.46 -11.52 -18.07
CA THR A 200 8.42 -11.57 -19.11
C THR A 200 7.19 -12.30 -18.60
N TRP A 201 7.40 -13.45 -17.96
CA TRP A 201 6.26 -14.20 -17.42
C TRP A 201 5.49 -13.36 -16.43
N TRP A 202 6.23 -12.65 -15.56
CA TRP A 202 5.62 -11.93 -14.45
C TRP A 202 4.77 -10.77 -14.94
N VAL A 203 5.28 -9.99 -15.92
CA VAL A 203 4.46 -8.92 -16.49
C VAL A 203 3.21 -9.48 -17.14
N LYS A 204 3.35 -10.53 -17.93
CA LYS A 204 2.17 -11.10 -18.58
C LYS A 204 1.20 -11.62 -17.53
N THR A 205 1.73 -12.18 -16.44
CA THR A 205 0.93 -12.75 -15.36
C THR A 205 0.17 -11.67 -14.59
N VAL A 206 0.81 -10.53 -14.33
CA VAL A 206 0.13 -9.45 -13.62
C VAL A 206 -0.97 -8.87 -14.50
N ALA A 207 -0.69 -8.70 -15.78
CA ALA A 207 -1.69 -8.18 -16.70
C ALA A 207 -2.91 -9.09 -16.79
N GLN A 208 -2.68 -10.41 -16.83
CA GLN A 208 -3.76 -11.39 -16.85
C GLN A 208 -4.68 -11.20 -15.64
N GLY A 209 -4.08 -11.04 -14.46
CA GLY A 209 -4.86 -10.91 -13.24
C GLY A 209 -5.66 -9.62 -13.15
N VAL A 210 -5.10 -8.53 -13.69
CA VAL A 210 -5.86 -7.29 -13.75
C VAL A 210 -7.00 -7.43 -14.75
N LYS A 211 -6.73 -8.05 -15.90
CA LYS A 211 -7.77 -8.16 -16.93
C LYS A 211 -8.88 -9.11 -16.48
N ASP A 212 -8.54 -10.23 -15.84
CA ASP A 212 -9.55 -11.18 -15.37
C ASP A 212 -10.39 -10.60 -14.23
N SER A 213 -9.78 -9.84 -13.33
CA SER A 213 -10.53 -9.32 -12.20
C SER A 213 -11.29 -8.05 -12.52
N GLY A 214 -10.96 -7.41 -13.64
CA GLY A 214 -11.54 -6.14 -14.02
C GLY A 214 -11.08 -4.98 -13.17
N ALA A 215 -10.02 -5.15 -12.40
CA ALA A 215 -9.57 -4.08 -11.52
C ALA A 215 -9.03 -2.90 -12.31
N ASP A 216 -9.00 -1.75 -11.65
CA ASP A 216 -8.56 -0.49 -12.25
C ASP A 216 -7.04 -0.30 -12.23
N GLY A 217 -6.29 -1.29 -11.77
CA GLY A 217 -4.85 -1.17 -11.63
C GLY A 217 -4.33 -2.28 -10.72
N VAL A 218 -3.10 -2.12 -10.26
CA VAL A 218 -2.50 -3.16 -9.44
C VAL A 218 -1.52 -2.56 -8.46
N PHE A 219 -1.58 -3.04 -7.23
CA PHE A 219 -0.62 -2.77 -6.17
C PHE A 219 0.51 -3.79 -6.30
N ILE A 220 1.73 -3.33 -6.58
CA ILE A 220 2.89 -4.20 -6.66
C ILE A 220 3.69 -4.13 -5.38
N ASP A 221 3.95 -5.28 -4.80
CA ASP A 221 4.52 -5.37 -3.48
C ASP A 221 5.96 -5.87 -3.60
N GLN A 222 6.87 -5.23 -2.86
CA GLN A 222 8.31 -5.62 -2.84
C GLN A 222 9.08 -4.97 -4.00
N MET A 223 10.11 -4.17 -3.69
CA MET A 223 10.96 -3.58 -4.70
C MET A 223 12.40 -4.09 -4.67
N HIS A 224 12.73 -4.95 -3.73
CA HIS A 224 14.12 -5.21 -3.38
C HIS A 224 14.79 -6.27 -4.24
N GLY A 225 14.01 -7.14 -4.90
CA GLY A 225 14.60 -8.18 -5.72
C GLY A 225 15.58 -9.08 -4.98
N PHE A 226 15.40 -9.27 -3.66
CA PHE A 226 16.30 -10.06 -2.82
C PHE A 226 17.76 -9.66 -3.01
N VAL A 227 18.02 -8.35 -3.05
CA VAL A 227 19.39 -7.89 -3.33
C VAL A 227 20.35 -8.37 -2.26
N TRP A 228 19.87 -8.57 -1.04
CA TRP A 228 20.73 -9.05 0.04
C TRP A 228 21.26 -10.45 -0.21
N LEU A 229 20.67 -11.19 -1.15
CA LEU A 229 21.16 -12.51 -1.50
C LEU A 229 22.16 -12.49 -2.63
N ARG A 230 22.32 -11.36 -3.30
CA ARG A 230 23.29 -11.21 -4.38
C ARG A 230 23.83 -9.78 -4.39
N SER A 231 24.38 -9.33 -3.25
CA SER A 231 24.64 -7.91 -3.10
C SER A 231 25.72 -7.43 -4.06
N SER A 232 26.53 -8.33 -4.60
CA SER A 232 27.50 -7.94 -5.62
C SER A 232 26.83 -7.52 -6.91
N GLN A 233 25.58 -7.95 -7.14
CA GLN A 233 24.82 -7.60 -8.34
C GLN A 233 23.76 -6.54 -8.06
N LYS A 234 23.99 -5.71 -7.04
CA LYS A 234 23.02 -4.71 -6.60
C LYS A 234 22.54 -3.82 -7.75
N GLU A 235 23.48 -3.30 -8.54
CA GLU A 235 23.07 -2.38 -9.59
C GLU A 235 22.26 -3.10 -10.67
N GLU A 236 22.55 -4.38 -10.91
CA GLU A 236 21.81 -5.13 -11.92
C GLU A 236 20.39 -5.42 -11.45
N VAL A 237 20.26 -5.78 -10.17
CA VAL A 237 18.94 -6.04 -9.61
C VAL A 237 18.10 -4.77 -9.65
N GLU A 238 18.69 -3.64 -9.25
CA GLU A 238 17.96 -2.39 -9.25
C GLU A 238 17.47 -2.06 -10.64
N LYS A 239 18.33 -2.24 -11.65
CA LYS A 239 17.94 -1.94 -13.01
C LYS A 239 16.89 -2.92 -13.53
N ALA A 240 17.05 -4.20 -13.19
CA ALA A 240 16.11 -5.21 -13.66
C ALA A 240 14.72 -4.97 -13.10
N MET A 241 14.64 -4.51 -11.85
CA MET A 241 13.33 -4.26 -11.25
C MET A 241 12.68 -3.03 -11.86
N GLY A 242 13.48 -2.00 -12.13
CA GLY A 242 12.97 -0.86 -12.86
C GLY A 242 12.50 -1.22 -14.26
N GLU A 243 13.19 -2.15 -14.92
CA GLU A 243 12.76 -2.59 -16.24
C GLU A 243 11.48 -3.40 -16.17
N MET A 244 11.37 -4.30 -15.18
CA MET A 244 10.11 -4.99 -14.98
C MET A 244 8.95 -4.02 -14.83
N MET A 245 9.11 -3.01 -13.99
CA MET A 245 8.00 -2.11 -13.68
C MET A 245 7.64 -1.23 -14.87
N ALA A 246 8.60 -0.86 -15.69
CA ALA A 246 8.28 -0.08 -16.88
C ALA A 246 7.55 -0.94 -17.91
N ASN A 247 8.00 -2.18 -18.09
CA ASN A 247 7.33 -3.07 -19.03
C ASN A 247 5.90 -3.39 -18.59
N LEU A 248 5.69 -3.52 -17.28
CA LEU A 248 4.34 -3.69 -16.74
C LEU A 248 3.48 -2.48 -17.03
N LYS A 249 4.00 -1.28 -16.75
CA LYS A 249 3.23 -0.07 -17.06
C LYS A 249 2.83 -0.05 -18.53
N ALA A 250 3.75 -0.43 -19.43
CA ALA A 250 3.45 -0.46 -20.85
C ALA A 250 2.40 -1.51 -21.20
N ALA A 251 2.50 -2.70 -20.58
CA ALA A 251 1.59 -3.78 -20.95
C ALA A 251 0.19 -3.52 -20.43
N ILE A 252 0.07 -2.88 -19.27
CA ILE A 252 -1.21 -2.53 -18.69
C ILE A 252 -1.90 -1.51 -19.58
N GLY A 253 -3.23 -1.55 -19.59
CA GLY A 253 -4.00 -0.54 -20.30
C GLY A 253 -3.65 0.88 -19.91
N THR A 254 -3.92 1.85 -20.79
CA THR A 254 -3.47 3.20 -20.51
C THR A 254 -4.27 3.88 -19.41
N ASN A 255 -5.36 3.27 -18.95
CA ASN A 255 -6.19 3.78 -17.85
C ASN A 255 -5.98 3.03 -16.55
N LYS A 256 -4.93 2.23 -16.45
CA LYS A 256 -4.68 1.40 -15.28
C LYS A 256 -3.68 2.07 -14.34
N ILE A 257 -3.99 2.05 -13.04
CA ILE A 257 -3.11 2.63 -12.02
C ILE A 257 -2.08 1.60 -11.59
N LEU A 258 -0.80 1.92 -11.76
CA LEU A 258 0.28 1.08 -11.21
C LEU A 258 0.80 1.69 -9.91
N LEU A 259 0.57 1.00 -8.79
CA LEU A 259 1.01 1.47 -7.47
C LEU A 259 2.24 0.67 -7.07
N GLY A 260 3.35 1.33 -6.78
CA GLY A 260 4.51 0.63 -6.27
C GLY A 260 4.68 0.86 -4.77
N ASN A 261 4.58 -0.24 -4.01
CA ASN A 261 4.81 -0.13 -2.56
C ASN A 261 6.25 0.27 -2.25
N ASN A 262 6.40 1.26 -1.36
CA ASN A 262 7.69 1.77 -0.91
C ASN A 262 8.62 2.12 -2.08
N ALA A 263 8.04 2.58 -3.18
CA ALA A 263 8.79 2.89 -4.39
C ALA A 263 9.05 4.38 -4.57
N SER A 264 8.60 5.23 -3.65
CA SER A 264 8.74 6.68 -3.85
C SER A 264 10.19 7.09 -4.07
N SER A 265 11.14 6.41 -3.41
CA SER A 265 12.55 6.73 -3.50
C SER A 265 13.35 5.67 -4.24
N VAL A 266 12.69 4.75 -4.94
CA VAL A 266 13.37 3.72 -5.72
C VAL A 266 13.59 4.31 -7.10
N LYS A 267 14.83 4.76 -7.36
CA LYS A 267 15.13 5.63 -8.49
C LYS A 267 14.73 5.00 -9.83
N ASP A 268 15.00 3.70 -10.02
CA ASP A 268 14.69 3.09 -11.30
C ASP A 268 13.22 2.73 -11.45
N VAL A 269 12.49 2.60 -10.34
CA VAL A 269 11.07 2.23 -10.43
C VAL A 269 10.19 3.46 -10.51
N PHE A 270 10.60 4.56 -9.88
CA PHE A 270 9.81 5.78 -9.81
C PHE A 270 9.20 6.20 -11.16
N PRO A 271 9.95 6.23 -12.26
CA PRO A 271 9.33 6.72 -13.52
C PRO A 271 8.19 5.87 -14.03
N ALA A 272 8.05 4.63 -13.60
CA ALA A 272 7.01 3.74 -14.09
C ALA A 272 5.68 3.88 -13.35
N ILE A 273 5.67 4.35 -12.12
CA ILE A 273 4.49 4.18 -11.28
C ILE A 273 3.62 5.43 -11.31
N ASP A 274 2.32 5.21 -11.17
CA ASP A 274 1.37 6.31 -11.01
C ASP A 274 1.12 6.64 -9.56
N ALA A 275 1.59 5.79 -8.65
CA ALA A 275 1.26 5.89 -7.24
C ALA A 275 2.29 5.14 -6.42
N ALA A 276 2.49 5.60 -5.19
CA ALA A 276 3.34 4.87 -4.27
C ALA A 276 2.71 4.85 -2.89
N MET A 277 3.08 3.83 -2.10
CA MET A 277 2.62 3.72 -0.72
C MET A 277 3.83 3.85 0.21
N PHE A 278 3.62 4.53 1.34
CA PHE A 278 4.57 4.52 2.46
C PHE A 278 3.99 3.55 3.49
N GLU A 279 4.61 2.38 3.66
CA GLU A 279 4.01 1.27 4.40
C GLU A 279 4.25 1.35 5.90
N HIS A 280 5.32 2.01 6.34
CA HIS A 280 5.60 2.23 7.75
C HIS A 280 5.62 0.90 8.51
N TYR A 281 6.46 -0.03 8.04
CA TYR A 281 6.46 -1.40 8.52
C TYR A 281 7.40 -1.66 9.70
N ASN A 282 8.13 -0.65 10.17
CA ASN A 282 8.96 -0.84 11.35
C ASN A 282 9.15 0.51 12.02
N ASN A 283 9.81 0.49 13.19
CA ASN A 283 9.94 1.73 13.94
C ASN A 283 10.86 2.72 13.23
N LYS A 284 11.82 2.23 12.45
CA LYS A 284 12.66 3.16 11.69
C LYS A 284 11.83 4.01 10.74
N LYS A 285 10.91 3.38 9.99
CA LYS A 285 9.99 4.13 9.14
C LYS A 285 9.12 5.11 9.93
N LEU A 286 8.89 4.85 11.21
CA LEU A 286 8.09 5.72 12.07
C LEU A 286 8.91 6.77 12.81
N SER A 287 10.24 6.71 12.69
CA SER A 287 11.10 7.66 13.39
C SER A 287 10.83 9.11 12.97
N LYS A 288 11.13 10.04 13.88
CA LYS A 288 10.95 11.46 13.61
C LYS A 288 11.73 11.88 12.37
N GLU A 289 12.93 11.33 12.18
CA GLU A 289 13.71 11.68 10.99
C GLU A 289 13.05 11.14 9.73
N ASN A 290 12.63 9.87 9.75
CA ASN A 290 12.09 9.34 8.51
C ASN A 290 10.76 10.00 8.14
N LEU A 291 9.96 10.39 9.13
CA LEU A 291 8.70 11.08 8.81
C LEU A 291 8.97 12.41 8.13
N LEU A 292 9.95 13.16 8.64
CA LEU A 292 10.38 14.40 8.01
C LEU A 292 10.74 14.18 6.54
N LYS A 293 11.52 13.13 6.27
CA LYS A 293 11.91 12.81 4.90
C LYS A 293 10.70 12.46 4.05
N GLU A 294 9.74 11.73 4.62
CA GLU A 294 8.59 11.27 3.85
C GLU A 294 7.66 12.41 3.47
N TRP A 295 7.54 13.44 4.32
CA TRP A 295 6.79 14.63 3.91
C TRP A 295 7.43 15.27 2.69
N GLY A 296 8.77 15.28 2.64
CA GLY A 296 9.44 15.71 1.43
C GLY A 296 9.18 14.79 0.25
N ASP A 297 9.11 13.48 0.50
CA ASP A 297 8.86 12.54 -0.59
C ASP A 297 7.42 12.68 -1.09
N MET A 298 6.47 13.03 -0.22
CA MET A 298 5.09 13.25 -0.66
C MET A 298 4.99 14.48 -1.55
N LEU A 299 5.78 15.51 -1.25
CA LEU A 299 5.85 16.68 -2.12
C LEU A 299 6.38 16.29 -3.49
N ALA A 300 7.52 15.56 -3.51
CA ALA A 300 8.10 15.16 -4.78
C ALA A 300 7.13 14.29 -5.58
N ASN A 301 6.43 13.35 -4.90
CA ASN A 301 5.41 12.57 -5.59
C ASN A 301 4.34 13.48 -6.18
N ALA A 302 3.89 14.46 -5.40
CA ALA A 302 2.89 15.39 -5.91
C ALA A 302 3.40 16.11 -7.15
N LYS A 303 4.62 16.63 -7.07
CA LYS A 303 5.10 17.45 -8.18
C LYS A 303 5.26 16.62 -9.45
N ALA A 304 5.46 15.31 -9.30
CA ALA A 304 5.65 14.42 -10.44
C ALA A 304 4.33 13.90 -10.99
N GLY A 305 3.22 14.29 -10.39
CA GLY A 305 1.93 13.85 -10.88
C GLY A 305 1.47 12.52 -10.32
N LYS A 306 2.08 12.05 -9.23
CA LYS A 306 1.80 10.73 -8.68
C LYS A 306 0.98 10.81 -7.41
N MET A 307 0.34 9.70 -7.10
CA MET A 307 -0.44 9.50 -5.89
C MET A 307 0.41 8.93 -4.76
N SER A 308 0.09 9.35 -3.54
CA SER A 308 0.74 8.82 -2.35
C SER A 308 -0.31 8.18 -1.47
N ILE A 309 0.01 6.99 -0.94
CA ILE A 309 -0.75 6.37 0.15
C ILE A 309 0.15 6.42 1.38
N PHE A 310 -0.28 7.16 2.39
CA PHE A 310 0.39 7.23 3.68
C PHE A 310 -0.28 6.20 4.59
N ARG A 311 0.34 5.03 4.77
CA ARG A 311 -0.32 3.92 5.45
C ARG A 311 0.25 3.79 6.85
N ILE A 312 -0.60 3.66 7.85
CA ILE A 312 -0.12 3.36 9.20
C ILE A 312 -0.87 2.13 9.67
N GLY A 313 -0.11 1.16 10.16
CA GLY A 313 -0.66 0.07 10.96
C GLY A 313 0.00 0.12 12.32
N VAL A 314 -0.79 0.17 13.40
CA VAL A 314 -0.19 0.39 14.71
C VAL A 314 0.47 -0.85 15.29
N GLU A 315 0.40 -1.97 14.59
CA GLU A 315 1.16 -3.14 15.01
C GLU A 315 2.66 -2.93 14.81
N ALA A 316 3.04 -1.99 13.94
CA ALA A 316 4.45 -1.70 13.69
C ALA A 316 5.10 -0.99 14.86
N GLU A 317 4.31 -0.44 15.78
CA GLU A 317 4.86 0.19 16.97
C GLU A 317 5.54 -0.83 17.88
N LYS A 318 5.09 -2.09 17.83
CA LYS A 318 5.53 -3.11 18.80
C LYS A 318 5.37 -2.58 20.22
N GLU A 319 4.21 -1.94 20.41
CA GLU A 319 3.92 -1.31 21.72
C GLU A 319 3.93 -2.36 22.82
N GLU A 320 4.07 -1.91 24.05
CA GLU A 320 4.15 -2.82 25.18
C GLU A 320 2.80 -3.47 25.53
N ALA A 321 1.70 -2.74 25.32
CA ALA A 321 0.38 -3.29 25.64
C ALA A 321 0.10 -4.57 24.87
N SER A 322 0.58 -4.66 23.63
CA SER A 322 0.43 -5.87 22.82
C SER A 322 1.58 -6.85 23.03
N GLN A 323 2.02 -6.98 24.28
CA GLN A 323 3.19 -7.83 24.59
C GLN A 323 2.92 -9.32 24.35
N THR A 324 2.46 -10.02 25.38
CA THR A 324 2.26 -11.43 25.26
C THR A 324 0.75 -11.77 25.13
N LEU A 325 0.14 -11.30 24.09
CA LEU A 325 -1.28 -11.54 23.83
C LEU A 325 -1.46 -12.37 22.57
N ILE A 326 -2.53 -13.18 22.57
CA ILE A 326 -2.83 -14.10 21.47
C ILE A 326 -4.26 -13.88 21.02
N LYS A 327 -4.53 -14.27 19.77
CA LYS A 327 -5.86 -14.32 19.16
C LYS A 327 -6.70 -13.07 19.39
N GLY A 328 -7.98 -13.24 19.72
CA GLY A 328 -8.89 -12.11 19.84
C GLY A 328 -8.46 -11.10 20.89
N SER A 329 -7.80 -11.57 21.94
CA SER A 329 -7.30 -10.65 22.97
C SER A 329 -6.22 -9.74 22.41
N ARG A 330 -5.39 -10.26 21.50
CA ARG A 330 -4.43 -9.42 20.81
C ARG A 330 -5.13 -8.42 19.91
N GLY A 331 -6.16 -8.89 19.19
CA GLY A 331 -6.90 -8.00 18.29
C GLY A 331 -7.60 -6.87 19.05
N GLU A 332 -8.13 -7.18 20.24
CA GLU A 332 -8.76 -6.15 21.06
C GLU A 332 -7.75 -5.10 21.47
N SER A 333 -6.56 -5.52 21.91
CA SER A 333 -5.53 -4.57 22.30
C SER A 333 -5.10 -3.73 21.12
N LEU A 334 -4.95 -4.35 19.93
CA LEU A 334 -4.48 -3.60 18.76
C LEU A 334 -5.54 -2.59 18.34
N GLU A 335 -6.80 -2.98 18.38
CA GLU A 335 -7.89 -2.04 18.08
C GLU A 335 -7.85 -0.85 19.03
N GLU A 336 -7.70 -1.13 20.33
CA GLU A 336 -7.72 -0.04 21.30
C GLU A 336 -6.50 0.84 21.15
N LEU A 337 -5.38 0.28 20.71
CA LEU A 337 -4.20 1.11 20.44
C LEU A 337 -4.42 1.99 19.24
N SER A 338 -5.05 1.45 18.18
CA SER A 338 -5.34 2.26 17.00
C SER A 338 -6.26 3.43 17.32
N LYS A 339 -7.22 3.23 18.21
CA LYS A 339 -8.09 4.35 18.59
C LYS A 339 -7.31 5.41 19.36
N GLU A 340 -6.45 4.99 20.30
CA GLU A 340 -5.68 5.93 21.11
C GLU A 340 -4.64 6.65 20.27
N ARG A 341 -4.13 6.01 19.23
CA ARG A 341 -3.09 6.61 18.41
C ARG A 341 -3.60 7.36 17.18
N LEU A 342 -4.91 7.37 16.89
CA LEU A 342 -5.37 7.88 15.59
C LEU A 342 -5.01 9.34 15.40
N GLU A 343 -5.21 10.17 16.43
CA GLU A 343 -4.95 11.60 16.31
C GLU A 343 -3.48 11.87 15.97
N TYR A 344 -2.57 11.14 16.61
CA TYR A 344 -1.15 11.30 16.28
C TYR A 344 -0.88 10.97 14.82
N TYR A 345 -1.31 9.80 14.37
CA TYR A 345 -0.99 9.38 12.99
C TYR A 345 -1.80 10.13 11.94
N GLN A 346 -3.04 10.49 12.25
CA GLN A 346 -3.78 11.38 11.35
C GLN A 346 -3.03 12.68 11.18
N ALA A 347 -2.55 13.25 12.30
CA ALA A 347 -1.78 14.49 12.21
C ALA A 347 -0.50 14.31 11.39
N CYS A 348 0.15 13.16 11.51
CA CYS A 348 1.39 12.94 10.75
C CYS A 348 1.12 12.96 9.25
N PHE A 349 0.02 12.32 8.82
CA PHE A 349 -0.39 12.39 7.41
C PHE A 349 -0.71 13.82 7.01
N LEU A 350 -1.41 14.56 7.86
CA LEU A 350 -1.97 15.84 7.42
C LEU A 350 -0.87 16.88 7.25
N ILE A 351 0.24 16.72 7.98
CA ILE A 351 1.38 17.61 7.88
C ILE A 351 1.97 17.55 6.48
N GLY A 352 2.05 16.35 5.91
CA GLY A 352 2.58 16.19 4.57
C GLY A 352 1.55 16.04 3.46
N ALA A 353 0.25 16.13 3.75
CA ALA A 353 -0.77 15.75 2.78
C ALA A 353 -0.71 16.64 1.55
N GLN A 354 -0.85 16.03 0.38
CA GLN A 354 -0.89 16.72 -0.90
C GLN A 354 -2.16 16.31 -1.62
N PRO A 355 -2.57 17.05 -2.65
CA PRO A 355 -3.62 16.52 -3.54
C PRO A 355 -3.28 15.11 -3.99
N TYR A 356 -4.33 14.29 -4.09
CA TYR A 356 -4.20 12.89 -4.53
C TYR A 356 -3.23 12.11 -3.65
N SER A 357 -3.21 12.43 -2.37
CA SER A 357 -2.62 11.60 -1.33
C SER A 357 -3.73 11.08 -0.43
N TYR A 358 -3.56 9.87 0.10
CA TYR A 358 -4.64 9.21 0.82
C TYR A 358 -4.07 8.53 2.06
N PHE A 359 -4.90 8.49 3.10
CA PHE A 359 -4.56 7.89 4.39
C PHE A 359 -5.18 6.50 4.52
N GLN A 360 -4.38 5.53 4.95
CA GLN A 360 -4.84 4.18 5.29
C GLN A 360 -4.48 3.86 6.74
N TYR A 361 -5.47 3.42 7.52
CA TYR A 361 -5.26 3.24 8.96
C TYR A 361 -5.78 1.88 9.46
N GLY A 362 -5.14 1.38 10.51
CA GLY A 362 -5.59 0.14 11.15
C GLY A 362 -4.46 -0.51 11.93
N TRP A 363 -4.49 -1.85 11.97
CA TRP A 363 -3.42 -2.60 12.62
C TRP A 363 -3.09 -3.85 11.84
N GLY A 364 -3.28 -3.82 10.52
CA GLY A 364 -2.96 -4.97 9.71
C GLY A 364 -3.45 -4.77 8.29
N TRP A 365 -3.58 -5.88 7.57
CA TRP A 365 -3.94 -5.87 6.16
C TRP A 365 -5.25 -6.61 5.89
N ARG A 366 -6.00 -6.92 6.92
CA ARG A 366 -7.19 -7.75 6.81
C ARG A 366 -8.46 -6.89 6.89
N LEU A 367 -9.55 -7.45 6.36
CA LEU A 367 -10.86 -6.83 6.54
C LEU A 367 -11.13 -6.51 8.00
N ASP A 368 -10.73 -7.38 8.93
CA ASP A 368 -11.04 -7.13 10.34
C ASP A 368 -9.94 -6.36 11.10
N THR A 369 -9.05 -5.62 10.40
CA THR A 369 -8.05 -4.84 11.13
C THR A 369 -8.06 -3.38 10.73
N GLY A 370 -9.24 -2.77 10.61
CA GLY A 370 -9.30 -1.34 10.32
C GLY A 370 -10.44 -0.88 9.43
N PRO A 371 -10.64 -1.52 8.27
CA PRO A 371 -11.66 -1.03 7.32
C PRO A 371 -13.08 -0.96 7.89
N LEU A 372 -13.43 -1.81 8.86
CA LEU A 372 -14.79 -1.83 9.40
C LEU A 372 -14.89 -1.12 10.73
N VAL A 373 -13.85 -0.38 11.12
CA VAL A 373 -13.79 0.26 12.42
C VAL A 373 -14.24 1.71 12.26
N ASP A 374 -15.09 2.17 13.17
CA ASP A 374 -15.55 3.56 13.12
C ASP A 374 -14.50 4.45 13.77
N TYR A 375 -13.77 5.20 12.94
CA TYR A 375 -12.87 6.26 13.38
C TYR A 375 -13.51 7.60 13.04
N PRO A 376 -14.33 8.17 13.92
CA PRO A 376 -15.13 9.34 13.53
C PRO A 376 -14.29 10.57 13.14
N GLU A 377 -13.06 10.68 13.65
CA GLU A 377 -12.20 11.81 13.29
C GLU A 377 -11.85 11.81 11.81
N LEU A 378 -11.83 10.64 11.17
CA LEU A 378 -11.58 10.60 9.74
C LEU A 378 -12.77 11.12 8.93
N GLN A 379 -13.93 11.32 9.57
CA GLN A 379 -15.13 11.85 8.94
C GLN A 379 -15.37 13.33 9.23
N LYS A 380 -14.47 13.99 9.90
CA LYS A 380 -14.72 15.37 10.28
C LYS A 380 -14.34 16.30 9.13
N PRO A 381 -15.09 17.42 8.97
CA PRO A 381 -14.73 18.39 7.94
C PRO A 381 -13.29 18.86 8.06
N LEU A 382 -12.59 18.82 6.94
CA LEU A 382 -11.17 19.18 6.89
C LEU A 382 -10.96 20.42 6.03
N GLY A 383 -11.22 20.35 4.74
CA GLY A 383 -11.02 21.48 3.86
C GLY A 383 -9.62 21.50 3.27
N ALA A 384 -9.41 22.44 2.38
CA ALA A 384 -8.16 22.53 1.63
C ALA A 384 -7.06 23.09 2.52
N PRO A 385 -5.84 22.57 2.41
CA PRO A 385 -4.77 23.09 3.27
C PRO A 385 -4.48 24.53 2.94
N LYS A 386 -4.13 25.30 3.96
CA LYS A 386 -3.76 26.69 3.78
C LYS A 386 -2.24 26.84 3.63
N GLY A 387 -1.65 26.05 2.75
CA GLY A 387 -0.23 26.15 2.48
C GLY A 387 0.53 24.99 3.09
N ALA A 388 1.86 25.12 3.09
CA ALA A 388 2.75 24.06 3.55
C ALA A 388 2.92 24.09 5.06
N TYR A 389 3.17 22.91 5.64
CA TYR A 389 3.44 22.80 7.06
C TYR A 389 4.60 23.71 7.47
N LYS A 390 4.61 24.08 8.75
CA LYS A 390 5.68 24.88 9.30
C LYS A 390 6.44 24.05 10.32
N ARG A 391 7.76 24.10 10.27
CA ARG A 391 8.57 23.55 11.36
C ARG A 391 8.61 24.61 12.43
N LEU A 392 7.87 24.36 13.51
CA LEU A 392 7.82 25.24 14.66
C LEU A 392 9.16 25.88 15.01
N HIS A 393 10.14 25.02 15.26
CA HIS A 393 11.46 25.39 15.73
C HIS A 393 12.44 25.60 14.59
N GLU A 394 13.70 25.70 14.98
CA GLU A 394 14.81 25.10 14.28
C GLU A 394 15.21 23.88 15.11
N ASN A 395 15.42 22.74 14.45
CA ASN A 395 15.93 21.52 15.07
C ASN A 395 14.92 20.78 15.93
N GLY A 396 13.81 21.45 16.33
CA GLY A 396 12.76 20.78 17.07
C GLY A 396 11.92 19.89 16.18
N TRP A 397 11.11 19.04 16.81
CA TRP A 397 10.30 18.07 16.08
C TRP A 397 8.80 18.30 16.25
N GLU A 398 8.41 19.55 16.45
CA GLU A 398 7.01 19.94 16.40
C GLU A 398 6.73 20.64 15.08
N PHE A 399 5.59 20.32 14.49
CA PHE A 399 5.21 20.81 13.18
C PHE A 399 3.73 21.17 13.22
N THR A 400 3.36 22.24 12.52
CA THR A 400 1.97 22.65 12.44
C THR A 400 1.56 22.85 10.99
N ARG A 401 0.25 22.82 10.77
CA ARG A 401 -0.34 23.13 9.48
C ARG A 401 -1.82 23.43 9.69
N GLU A 402 -2.37 24.29 8.83
CA GLU A 402 -3.75 24.72 8.93
C GLU A 402 -4.51 24.37 7.65
N PHE A 403 -5.76 23.97 7.82
CA PHE A 403 -6.69 23.67 6.76
C PHE A 403 -7.93 24.54 6.96
N GLU A 404 -8.80 24.57 5.96
CA GLU A 404 -10.03 25.39 6.04
C GLU A 404 -10.76 25.16 7.36
N HIS A 405 -10.92 23.91 7.77
CA HIS A 405 -11.73 23.58 8.94
C HIS A 405 -10.95 22.82 10.01
N ALA A 406 -9.64 23.00 10.10
CA ALA A 406 -8.88 22.31 11.12
C ALA A 406 -7.51 22.97 11.32
N SER A 407 -6.98 22.82 12.53
CA SER A 407 -5.61 23.19 12.88
C SER A 407 -4.88 21.96 13.40
N VAL A 408 -3.67 21.73 12.91
CA VAL A 408 -2.91 20.52 13.21
C VAL A 408 -1.59 20.89 13.90
N TRP A 409 -1.29 20.21 15.01
CA TRP A 409 0.02 20.26 15.65
C TRP A 409 0.44 18.83 15.94
N VAL A 410 1.72 18.54 15.77
CA VAL A 410 2.25 17.21 16.08
C VAL A 410 3.68 17.37 16.56
N ASP A 411 4.06 16.53 17.52
CA ASP A 411 5.44 16.42 18.02
C ASP A 411 5.90 14.99 17.75
N THR A 412 6.73 14.82 16.71
CA THR A 412 7.11 13.48 16.30
C THR A 412 8.29 12.95 17.10
N GLU A 413 8.82 13.76 18.03
CA GLU A 413 9.77 13.25 19.01
C GLU A 413 9.06 12.58 20.17
N LYS A 414 8.18 13.33 20.86
CA LYS A 414 7.46 12.79 22.00
C LYS A 414 6.17 12.08 21.61
N LYS A 415 5.82 12.06 20.32
CA LYS A 415 4.69 11.26 19.81
C LYS A 415 3.35 11.76 20.37
N GLU A 416 3.12 13.07 20.24
CA GLU A 416 1.89 13.71 20.66
C GLU A 416 1.30 14.55 19.53
N ALA A 417 0.01 14.84 19.62
CA ALA A 417 -0.69 15.56 18.58
C ALA A 417 -1.95 16.19 19.12
N LYS A 418 -2.39 17.26 18.45
CA LYS A 418 -3.74 17.77 18.63
C LYS A 418 -4.24 18.27 17.29
N ILE A 419 -5.38 17.75 16.86
CA ILE A 419 -6.10 18.32 15.72
C ILE A 419 -7.30 19.07 16.28
N GLU A 420 -7.29 20.38 16.09
CA GLU A 420 -8.38 21.25 16.50
C GLU A 420 -9.36 21.37 15.34
N TRP A 421 -10.57 20.87 15.53
CA TRP A 421 -11.57 20.83 14.46
C TRP A 421 -12.48 22.05 14.58
N LYS A 422 -12.73 22.71 13.45
CA LYS A 422 -13.41 23.99 13.44
C LYS A 422 -14.86 23.87 12.96
#